data_3T55
#
_entry.id   3T55
#
_cell.length_a   45.838
_cell.length_b   53.206
_cell.length_c   87.167
_cell.angle_alpha   90.000
_cell.angle_beta   90.000
_cell.angle_gamma   90.000
#
_symmetry.space_group_name_H-M   'P 21 21 21'
#
loop_
_entity.id
_entity.type
_entity.pdbx_description
1 polymer 'Indole-3-glycerol phosphate synthase'
2 non-polymer '3-(phenoxymethyl)benzoic acid'
3 non-polymer 'MALONATE ION'
4 non-polymer 'SULFATE ION'
5 water water
#
_entity_poly.entity_id   1
_entity_poly.type   'polypeptide(L)'
_entity_poly.pdbx_seq_one_letter_code
;MSPATVLDSILEGVRADVAAREASVSLSEIKAAAAAAPPPLDVMAALREPGIGVIAEVKRASPSAGALATIADPAKLAQA
YQDGGARIVSVVTEQRRFQGSLDDLDAVRASVSIPVLRKDFVVQPYQIHEARAHGADMLLLIVAALEQSVLVSMLDRTES
LGMTALVEVHTEQEADRALKAGAKVIGVNARDLMTLDVDRDCFARIAPGLPSSVIRIAESGVRGTADLLAYAGAGADAVL
VGEGLVTSGDPRAAVADLVTAGTHPSCPKPAR
;
_entity_poly.pdbx_strand_id   A
#
loop_
_chem_comp.id
_chem_comp.type
_chem_comp.name
_chem_comp.formula
4RG non-polymer '3-(phenoxymethyl)benzoic acid' 'C14 H12 O3'
MLI non-polymer 'MALONATE ION' 'C3 H2 O4 -2'
SO4 non-polymer 'SULFATE ION' 'O4 S -2'
#
# COMPACT_ATOMS: atom_id res chain seq x y z
N THR A 5 -10.40 -14.52 -8.91
CA THR A 5 -9.88 -15.63 -8.04
C THR A 5 -8.34 -15.79 -8.07
N VAL A 6 -7.62 -14.93 -8.79
CA VAL A 6 -6.18 -14.76 -8.53
C VAL A 6 -6.00 -14.31 -7.07
N LEU A 7 -6.97 -13.51 -6.57
CA LEU A 7 -6.95 -13.04 -5.20
C LEU A 7 -6.89 -14.24 -4.29
N ASP A 8 -7.78 -15.21 -4.53
CA ASP A 8 -7.93 -16.34 -3.60
C ASP A 8 -6.72 -17.24 -3.58
N SER A 9 -6.12 -17.51 -4.74
CA SER A 9 -4.86 -18.26 -4.79
C SER A 9 -3.79 -17.47 -4.03
N ILE A 10 -3.79 -16.14 -4.19
CA ILE A 10 -2.79 -15.35 -3.49
C ILE A 10 -3.04 -15.51 -1.99
N LEU A 11 -4.31 -15.48 -1.61
CA LEU A 11 -4.73 -15.54 -0.18
C LEU A 11 -4.43 -16.87 0.52
N GLU A 12 -4.56 -17.99 -0.19
CA GLU A 12 -4.32 -19.31 0.48
C GLU A 12 -2.84 -19.46 0.84
N GLY A 13 -2.00 -19.00 -0.10
CA GLY A 13 -0.58 -18.89 0.06
C GLY A 13 -0.22 -17.99 1.27
N VAL A 14 -0.87 -16.83 1.37
CA VAL A 14 -0.68 -15.87 2.46
C VAL A 14 -1.02 -16.45 3.83
N ARG A 15 -2.17 -17.10 3.94
CA ARG A 15 -2.60 -17.72 5.19
C ARG A 15 -1.63 -18.81 5.70
N ALA A 16 -1.15 -19.64 4.79
CA ALA A 16 -0.10 -20.62 5.07
C ALA A 16 1.20 -19.96 5.49
N ASP A 17 1.64 -18.91 4.78
CA ASP A 17 2.89 -18.25 5.11
C ASP A 17 2.82 -17.54 6.44
N VAL A 18 1.70 -16.90 6.75
CA VAL A 18 1.48 -16.25 8.07
C VAL A 18 1.50 -17.27 9.19
N ALA A 19 0.77 -18.36 9.02
CA ALA A 19 0.77 -19.42 10.01
C ALA A 19 2.20 -19.95 10.28
N ALA A 20 2.96 -20.21 9.23
CA ALA A 20 4.36 -20.66 9.37
C ALA A 20 5.21 -19.62 10.08
N ARG A 21 5.06 -18.33 9.75
CA ARG A 21 5.78 -17.31 10.54
C ARG A 21 5.37 -17.27 12.02
N GLU A 22 4.09 -17.38 12.25
CA GLU A 22 3.54 -17.28 13.57
C GLU A 22 4.00 -18.44 14.46
N ALA A 23 4.18 -19.60 13.86
CA ALA A 23 4.82 -20.75 14.53
C ALA A 23 6.23 -20.44 14.98
N SER A 24 6.95 -19.56 14.30
CA SER A 24 8.29 -19.23 14.81
C SER A 24 8.35 -17.93 15.63
N VAL A 25 7.38 -17.04 15.42
CA VAL A 25 7.25 -15.76 16.13
C VAL A 25 5.77 -15.68 16.53
N SER A 26 5.52 -16.13 17.74
CA SER A 26 4.20 -16.16 18.34
C SER A 26 3.48 -14.81 18.20
N LEU A 27 2.14 -14.86 18.28
CA LEU A 27 1.34 -13.68 18.32
C LEU A 27 1.71 -12.80 19.56
N SER A 28 2.02 -13.39 20.71
CA SER A 28 2.44 -12.56 21.87
C SER A 28 3.74 -11.79 21.60
N GLU A 29 4.70 -12.44 20.94
CA GLU A 29 5.97 -11.78 20.70
C GLU A 29 5.77 -10.67 19.71
N ILE A 30 4.92 -10.88 18.70
CA ILE A 30 4.78 -9.87 17.67
C ILE A 30 3.98 -8.71 18.21
N LYS A 31 3.04 -9.02 19.11
CA LYS A 31 2.28 -7.99 19.80
C LYS A 31 3.21 -7.14 20.61
N ALA A 32 4.14 -7.81 21.33
CA ALA A 32 5.12 -7.11 22.19
C ALA A 32 6.07 -6.28 21.34
N ALA A 33 6.44 -6.79 20.16
CA ALA A 33 7.39 -6.07 19.32
C ALA A 33 6.70 -4.81 18.68
N ALA A 34 5.41 -4.94 18.42
CA ALA A 34 4.60 -3.87 17.81
C ALA A 34 4.45 -2.76 18.83
N ALA A 35 4.03 -3.17 20.02
CA ALA A 35 3.91 -2.29 21.19
C ALA A 35 5.20 -1.62 21.47
N ALA A 36 6.32 -2.31 21.29
CA ALA A 36 7.58 -1.73 21.62
C ALA A 36 8.12 -0.84 20.54
N ALA A 37 7.62 -0.92 19.31
CA ALA A 37 8.21 -0.20 18.18
C ALA A 37 7.94 1.34 18.28
N PRO A 38 8.81 2.16 17.66
CA PRO A 38 8.62 3.62 17.78
C PRO A 38 7.34 4.02 17.08
N PRO A 39 6.61 4.98 17.62
CA PRO A 39 5.23 5.14 17.16
C PRO A 39 5.19 5.43 15.67
N PRO A 40 4.08 5.09 15.03
CA PRO A 40 3.95 5.38 13.61
C PRO A 40 3.89 6.88 13.36
N LEU A 41 4.36 7.26 12.18
CA LEU A 41 4.19 8.60 11.62
C LEU A 41 2.71 8.86 11.31
N ASP A 42 2.39 10.15 11.30
CA ASP A 42 1.03 10.64 11.04
C ASP A 42 0.84 10.65 9.54
N VAL A 43 0.40 9.55 9.00
CA VAL A 43 0.20 9.44 7.57
C VAL A 43 -0.88 10.42 7.05
N MET A 44 -1.95 10.64 7.83
CA MET A 44 -3.04 11.56 7.36
C MET A 44 -2.45 12.94 7.10
N ALA A 45 -1.59 13.41 8.00
CA ALA A 45 -0.96 14.72 7.82
C ALA A 45 -0.13 14.68 6.50
N ALA A 46 0.63 13.61 6.29
CA ALA A 46 1.46 13.56 5.06
C ALA A 46 0.57 13.61 3.84
N LEU A 47 -0.56 12.92 3.91
CA LEU A 47 -1.50 12.80 2.77
C LEU A 47 -2.16 14.13 2.52
N ARG A 48 -2.13 15.01 3.50
CA ARG A 48 -2.84 16.30 3.41
C ARG A 48 -1.96 17.42 2.98
N GLU A 49 -0.67 17.14 2.77
CA GLU A 49 0.26 18.12 2.25
C GLU A 49 -0.13 18.60 0.88
N PRO A 50 0.26 19.86 0.56
CA PRO A 50 -0.02 20.43 -0.77
C PRO A 50 0.51 19.55 -1.87
N GLY A 51 -0.18 19.51 -2.99
CA GLY A 51 0.29 18.71 -4.12
C GLY A 51 -0.25 17.32 -4.01
N ILE A 52 -0.29 16.66 -5.18
CA ILE A 52 -0.65 15.26 -5.33
C ILE A 52 0.50 14.42 -4.79
N GLY A 53 0.25 13.65 -3.76
CA GLY A 53 1.30 12.80 -3.20
C GLY A 53 1.68 11.64 -4.08
N VAL A 54 2.96 11.30 -4.14
CA VAL A 54 3.40 10.13 -4.90
C VAL A 54 3.82 9.09 -3.92
N ILE A 55 3.12 7.95 -3.97
CA ILE A 55 3.40 6.83 -3.08
C ILE A 55 4.17 5.94 -4.00
N ALA A 56 5.46 5.82 -3.72
CA ALA A 56 6.37 5.16 -4.61
C ALA A 56 6.58 3.74 -4.07
N GLU A 57 6.47 2.75 -4.95
CA GLU A 57 6.47 1.36 -4.46
C GLU A 57 7.73 0.54 -4.76
N VAL A 58 8.11 -0.28 -3.76
CA VAL A 58 9.17 -1.25 -3.81
C VAL A 58 8.46 -2.59 -4.07
N LYS A 59 8.72 -3.12 -5.26
CA LYS A 59 8.06 -4.33 -5.74
C LYS A 59 8.92 -4.96 -6.79
N ARG A 60 9.33 -6.22 -6.57
CA ARG A 60 10.27 -6.96 -7.44
C ARG A 60 9.56 -7.66 -8.58
N ALA A 61 8.34 -8.10 -8.35
CA ALA A 61 7.57 -8.88 -9.34
C ALA A 61 6.08 -8.78 -9.05
N SER A 62 5.27 -9.29 -9.97
CA SER A 62 3.83 -9.38 -9.76
C SER A 62 3.29 -10.46 -10.66
N PRO A 63 2.11 -11.01 -10.34
CA PRO A 63 1.48 -11.96 -11.24
C PRO A 63 1.30 -11.41 -12.62
N SER A 64 0.96 -10.12 -12.74
CA SER A 64 0.65 -9.56 -14.04
C SER A 64 1.93 -9.31 -14.84
N ALA A 65 2.97 -8.80 -14.17
CA ALA A 65 4.18 -8.36 -14.84
C ALA A 65 5.29 -9.41 -14.90
N GLY A 66 5.24 -10.40 -14.02
CA GLY A 66 6.38 -11.27 -13.85
C GLY A 66 7.45 -10.48 -13.11
N ALA A 67 8.72 -10.86 -13.34
CA ALA A 67 9.88 -10.23 -12.78
C ALA A 67 10.01 -8.79 -13.25
N LEU A 68 10.10 -7.90 -12.29
CA LEU A 68 10.17 -6.46 -12.58
C LEU A 68 11.59 -5.99 -12.34
N ALA A 69 12.11 -6.30 -11.17
CA ALA A 69 13.45 -5.80 -10.78
C ALA A 69 13.99 -6.66 -9.67
N THR A 70 15.32 -6.77 -9.62
CA THR A 70 15.93 -7.64 -8.69
C THR A 70 15.91 -6.95 -7.28
N ILE A 71 15.96 -5.61 -7.25
CA ILE A 71 16.02 -4.80 -5.98
C ILE A 71 16.81 -5.48 -4.93
N ALA A 72 18.11 -5.56 -5.17
CA ALA A 72 19.05 -6.15 -4.24
C ALA A 72 19.14 -5.29 -2.99
N ASP A 73 18.79 -4.02 -3.15
CA ASP A 73 18.98 -3.00 -2.07
C ASP A 73 17.76 -2.10 -2.00
N PRO A 74 16.69 -2.60 -1.37
CA PRO A 74 15.46 -1.84 -1.28
C PRO A 74 15.57 -0.54 -0.51
N ALA A 75 16.43 -0.49 0.52
CA ALA A 75 16.73 0.75 1.25
C ALA A 75 17.20 1.79 0.27
N LYS A 76 18.18 1.44 -0.56
CA LYS A 76 18.71 2.40 -1.57
C LYS A 76 17.64 2.89 -2.55
N LEU A 77 16.77 1.98 -2.98
CA LEU A 77 15.60 2.38 -3.83
C LEU A 77 14.70 3.36 -3.10
N ALA A 78 14.39 3.09 -1.84
CA ALA A 78 13.49 3.98 -1.07
C ALA A 78 14.13 5.34 -0.84
N GLN A 79 15.44 5.35 -0.62
CA GLN A 79 16.24 6.60 -0.60
C GLN A 79 16.14 7.49 -1.82
N ALA A 80 16.18 6.85 -3.00
CA ALA A 80 15.95 7.53 -4.24
C ALA A 80 14.56 8.12 -4.32
N TYR A 81 13.59 7.31 -3.88
CA TYR A 81 12.22 7.73 -3.88
C TYR A 81 12.03 8.96 -2.96
N GLN A 82 12.54 8.90 -1.72
CA GLN A 82 12.45 10.12 -0.84
C GLN A 82 13.13 11.36 -1.45
N ASP A 83 14.36 11.15 -2.00
CA ASP A 83 15.14 12.22 -2.65
C ASP A 83 14.34 12.83 -3.77
N GLY A 84 13.56 12.03 -4.49
CA GLY A 84 12.74 12.51 -5.60
C GLY A 84 11.45 13.21 -5.21
N GLY A 85 11.13 13.26 -3.93
CA GLY A 85 9.90 13.92 -3.47
C GLY A 85 8.73 13.00 -3.12
N ALA A 86 8.96 11.68 -3.03
CA ALA A 86 7.87 10.74 -2.74
C ALA A 86 7.31 11.08 -1.35
N ARG A 87 6.00 10.97 -1.22
CA ARG A 87 5.27 11.28 -0.02
C ARG A 87 5.30 10.13 0.96
N ILE A 88 5.20 8.95 0.39
CA ILE A 88 5.16 7.70 1.12
C ILE A 88 5.88 6.68 0.32
N VAL A 89 6.51 5.71 0.99
CA VAL A 89 6.97 4.52 0.30
C VAL A 89 6.17 3.26 0.69
N SER A 90 5.73 2.61 -0.36
CA SER A 90 5.02 1.34 -0.32
C SER A 90 6.02 0.24 -0.51
N VAL A 91 5.97 -0.74 0.38
CA VAL A 91 6.84 -1.89 0.33
C VAL A 91 6.00 -3.10 0.27
N VAL A 92 6.08 -3.82 -0.84
CA VAL A 92 5.39 -5.09 -0.94
C VAL A 92 6.14 -6.14 -0.19
N THR A 93 5.42 -6.85 0.67
CA THR A 93 6.00 -7.88 1.52
C THR A 93 5.50 -9.29 1.28
N GLU A 94 4.66 -9.49 0.27
CA GLU A 94 4.17 -10.83 -0.10
C GLU A 94 5.24 -11.52 -0.87
N GLN A 95 5.60 -12.75 -0.44
CA GLN A 95 6.75 -13.48 -0.92
C GLN A 95 6.53 -14.33 -2.21
N ARG A 96 5.38 -14.97 -2.37
CA ARG A 96 5.22 -16.01 -3.38
C ARG A 96 4.96 -15.51 -4.77
N ARG A 97 4.20 -14.41 -4.89
CA ARG A 97 3.90 -13.80 -6.18
CA ARG A 97 3.92 -13.85 -6.20
C ARG A 97 4.69 -12.53 -6.42
N PHE A 98 5.00 -11.79 -5.34
CA PHE A 98 5.71 -10.53 -5.51
C PHE A 98 7.18 -10.56 -5.11
N GLN A 99 7.66 -11.66 -4.54
CA GLN A 99 9.06 -11.79 -4.13
C GLN A 99 9.49 -10.70 -3.17
N GLY A 100 8.58 -10.29 -2.31
CA GLY A 100 8.94 -9.33 -1.24
C GLY A 100 9.07 -10.05 0.07
N SER A 101 9.37 -9.31 1.13
CA SER A 101 9.43 -9.89 2.45
C SER A 101 9.46 -8.77 3.50
N LEU A 102 9.26 -9.13 4.74
CA LEU A 102 9.44 -8.18 5.83
C LEU A 102 10.78 -7.56 5.86
N ASP A 103 11.83 -8.30 5.46
CA ASP A 103 13.17 -7.73 5.44
C ASP A 103 13.22 -6.43 4.65
N ASP A 104 12.47 -6.35 3.55
CA ASP A 104 12.40 -5.16 2.72
C ASP A 104 11.81 -4.01 3.51
N LEU A 105 10.79 -4.31 4.29
CA LEU A 105 10.12 -3.31 5.09
C LEU A 105 11.12 -2.78 6.17
N ASP A 106 11.86 -3.67 6.82
CA ASP A 106 12.87 -3.27 7.82
C ASP A 106 13.91 -2.34 7.20
N ALA A 107 14.35 -2.72 5.98
CA ALA A 107 15.42 -2.02 5.25
C ALA A 107 14.92 -0.61 4.88
N VAL A 108 13.70 -0.53 4.37
CA VAL A 108 13.11 0.77 3.97
C VAL A 108 12.89 1.66 5.20
N ARG A 109 12.39 1.10 6.27
CA ARG A 109 12.07 1.87 7.49
C ARG A 109 13.31 2.58 8.04
N ALA A 110 14.41 1.85 8.04
CA ALA A 110 15.70 2.30 8.54
C ALA A 110 16.33 3.33 7.66
N SER A 111 15.88 3.47 6.43
CA SER A 111 16.58 4.28 5.43
CA SER A 111 16.60 4.30 5.50
C SER A 111 15.88 5.57 5.05
N VAL A 112 14.57 5.67 5.29
CA VAL A 112 13.84 6.88 4.92
C VAL A 112 13.13 7.54 6.12
N SER A 113 12.70 8.78 5.93
CA SER A 113 12.00 9.54 6.95
C SER A 113 10.52 9.62 6.63
N ILE A 114 10.14 9.29 5.35
CA ILE A 114 8.75 9.42 4.93
C ILE A 114 8.00 8.21 5.41
N PRO A 115 6.67 8.30 5.49
CA PRO A 115 5.95 7.13 5.97
C PRO A 115 6.06 5.90 5.07
N VAL A 116 5.86 4.75 5.70
CA VAL A 116 6.01 3.48 5.01
C VAL A 116 4.67 2.72 5.08
N LEU A 117 4.18 2.33 3.90
CA LEU A 117 2.95 1.54 3.71
C LEU A 117 3.31 0.06 3.54
N ARG A 118 2.76 -0.82 4.36
CA ARG A 118 3.06 -2.21 4.13
C ARG A 118 2.01 -2.67 3.14
N LYS A 119 2.46 -3.12 1.96
CA LYS A 119 1.59 -3.60 0.89
C LYS A 119 1.60 -5.10 0.85
N ASP A 120 0.54 -5.72 1.31
CA ASP A 120 0.46 -7.17 1.42
C ASP A 120 -1.03 -7.47 1.57
N PHE A 121 -1.37 -8.73 1.76
CA PHE A 121 -2.74 -9.16 1.79
C PHE A 121 -3.08 -9.49 3.21
N VAL A 122 -3.62 -8.49 3.89
CA VAL A 122 -3.91 -8.61 5.28
C VAL A 122 -5.19 -9.42 5.49
N VAL A 123 -5.01 -10.66 5.97
CA VAL A 123 -6.12 -11.56 6.28
C VAL A 123 -6.33 -11.83 7.79
N GLN A 124 -5.34 -11.54 8.62
CA GLN A 124 -5.37 -11.89 10.05
C GLN A 124 -4.77 -10.85 10.95
N PRO A 125 -5.20 -10.80 12.20
CA PRO A 125 -4.65 -9.78 13.10
C PRO A 125 -3.12 -9.83 13.25
N TYR A 126 -2.55 -11.02 13.18
CA TYR A 126 -1.11 -11.21 13.29
C TYR A 126 -0.34 -10.26 12.38
N GLN A 127 -0.75 -10.18 11.13
CA GLN A 127 -0.12 -9.34 10.15
C GLN A 127 -0.22 -7.87 10.49
N ILE A 128 -1.24 -7.47 11.21
CA ILE A 128 -1.36 -6.05 11.61
C ILE A 128 -0.29 -5.70 12.62
N HIS A 129 -0.21 -6.49 13.69
CA HIS A 129 0.82 -6.24 14.68
C HIS A 129 2.21 -6.42 14.07
N GLU A 130 2.34 -7.39 13.19
CA GLU A 130 3.56 -7.63 12.47
C GLU A 130 3.99 -6.41 11.64
N ALA A 131 3.04 -5.83 10.91
CA ALA A 131 3.29 -4.58 10.18
C ALA A 131 3.87 -3.51 11.16
N ARG A 132 3.21 -3.29 12.28
CA ARG A 132 3.62 -2.28 13.26
C ARG A 132 4.98 -2.56 13.82
N ALA A 133 5.22 -3.82 14.13
CA ALA A 133 6.51 -4.29 14.65
C ALA A 133 7.67 -3.99 13.72
N HIS A 134 7.39 -4.08 12.41
CA HIS A 134 8.38 -3.89 11.41
C HIS A 134 8.42 -2.42 10.87
N GLY A 135 7.71 -1.52 11.55
CA GLY A 135 7.86 -0.10 11.25
C GLY A 135 6.81 0.51 10.30
N ALA A 136 5.79 -0.24 9.91
CA ALA A 136 4.80 0.32 8.91
C ALA A 136 4.03 1.43 9.62
N ASP A 137 3.75 2.49 8.87
CA ASP A 137 2.90 3.55 9.35
C ASP A 137 1.53 3.45 8.74
N MET A 138 1.46 2.75 7.60
CA MET A 138 0.23 2.66 6.86
C MET A 138 0.14 1.25 6.42
N LEU A 139 -1.08 0.70 6.44
CA LEU A 139 -1.29 -0.68 6.14
C LEU A 139 -2.39 -0.86 5.13
N LEU A 140 -2.13 -1.67 4.12
CA LEU A 140 -3.13 -1.94 3.16
C LEU A 140 -4.21 -2.95 3.75
N LEU A 141 -5.48 -2.62 3.58
CA LEU A 141 -6.64 -3.54 3.77
C LEU A 141 -7.41 -3.62 2.45
N ILE A 142 -7.65 -4.82 1.91
CA ILE A 142 -8.29 -4.96 0.59
C ILE A 142 -9.78 -5.39 0.85
N VAL A 143 -10.73 -4.52 0.56
CA VAL A 143 -12.17 -4.85 0.74
C VAL A 143 -12.61 -6.13 0.02
N ALA A 144 -12.16 -6.36 -1.23
CA ALA A 144 -12.50 -7.60 -1.94
C ALA A 144 -11.91 -8.84 -1.27
N ALA A 145 -10.95 -8.68 -0.37
CA ALA A 145 -10.39 -9.82 0.33
C ALA A 145 -11.15 -10.12 1.60
N LEU A 146 -11.95 -9.18 2.08
CA LEU A 146 -12.31 -9.20 3.49
C LEU A 146 -13.82 -9.10 3.61
N GLU A 147 -14.42 -10.04 4.33
CA GLU A 147 -15.81 -9.92 4.72
C GLU A 147 -15.97 -8.69 5.65
N GLN A 148 -17.08 -7.96 5.48
CA GLN A 148 -17.26 -6.69 6.20
C GLN A 148 -16.95 -6.69 7.69
N SER A 149 -17.39 -7.69 8.44
CA SER A 149 -17.16 -7.61 9.89
C SER A 149 -15.65 -7.71 10.19
N VAL A 150 -14.95 -8.49 9.40
CA VAL A 150 -13.51 -8.69 9.49
C VAL A 150 -12.84 -7.40 9.04
N LEU A 151 -13.32 -6.80 7.94
CA LEU A 151 -12.84 -5.47 7.53
C LEU A 151 -12.92 -4.48 8.71
N VAL A 152 -14.09 -4.33 9.25
CA VAL A 152 -14.27 -3.42 10.31
C VAL A 152 -13.26 -3.65 11.42
N SER A 153 -13.04 -4.90 11.84
CA SER A 153 -12.15 -5.14 12.99
C SER A 153 -10.69 -4.96 12.61
N MET A 154 -10.32 -5.40 11.41
CA MET A 154 -8.95 -5.17 10.96
CA MET A 154 -8.94 -5.17 10.93
C MET A 154 -8.67 -3.66 10.91
N LEU A 155 -9.65 -2.88 10.40
CA LEU A 155 -9.50 -1.42 10.34
C LEU A 155 -9.32 -0.87 11.77
N ASP A 156 -10.21 -1.28 12.66
CA ASP A 156 -10.16 -0.81 14.03
C ASP A 156 -8.83 -1.14 14.69
N ARG A 157 -8.37 -2.37 14.48
CA ARG A 157 -7.11 -2.81 15.10
C ARG A 157 -5.90 -2.07 14.51
N THR A 158 -5.87 -1.90 13.18
CA THR A 158 -4.85 -0.99 12.54
C THR A 158 -4.75 0.40 13.19
N GLU A 159 -5.89 1.07 13.36
CA GLU A 159 -5.89 2.43 13.87
C GLU A 159 -5.58 2.44 15.36
N SER A 160 -5.91 1.37 16.07
CA SER A 160 -5.60 1.28 17.50
C SER A 160 -4.09 1.14 17.70
N LEU A 161 -3.38 0.74 16.64
CA LEU A 161 -1.90 0.71 16.66
C LEU A 161 -1.23 2.01 16.20
N GLY A 162 -2.06 3.00 15.89
CA GLY A 162 -1.60 4.28 15.35
C GLY A 162 -1.46 4.31 13.84
N MET A 163 -1.63 3.16 13.20
CA MET A 163 -1.48 3.12 11.75
C MET A 163 -2.74 3.62 10.99
N THR A 164 -2.50 4.07 9.77
CA THR A 164 -3.59 4.47 8.89
C THR A 164 -3.83 3.30 7.95
N ALA A 165 -5.11 2.99 7.79
CA ALA A 165 -5.50 1.96 6.86
C ALA A 165 -5.71 2.62 5.51
N LEU A 166 -5.13 2.01 4.49
CA LEU A 166 -5.38 2.37 3.10
C LEU A 166 -6.33 1.30 2.64
N VAL A 167 -7.62 1.63 2.66
CA VAL A 167 -8.65 0.66 2.39
C VAL A 167 -8.86 0.68 0.85
N GLU A 168 -8.53 -0.43 0.19
CA GLU A 168 -8.53 -0.46 -1.27
C GLU A 168 -9.86 -1.04 -1.80
N VAL A 169 -10.45 -0.34 -2.76
CA VAL A 169 -11.76 -0.70 -3.33
C VAL A 169 -11.60 -0.79 -4.85
N HIS A 170 -12.42 -1.58 -5.48
CA HIS A 170 -12.46 -1.61 -6.93
C HIS A 170 -13.82 -1.22 -7.50
N THR A 171 -14.84 -1.03 -6.65
CA THR A 171 -16.22 -0.87 -7.14
C THR A 171 -16.91 0.11 -6.23
N GLU A 172 -17.99 0.72 -6.73
CA GLU A 172 -18.70 1.66 -5.85
C GLU A 172 -19.22 0.93 -4.65
N GLN A 173 -19.62 -0.33 -4.83
CA GLN A 173 -20.19 -1.10 -3.70
C GLN A 173 -19.09 -1.35 -2.63
N GLU A 174 -17.88 -1.69 -3.08
CA GLU A 174 -16.70 -1.79 -2.18
C GLU A 174 -16.40 -0.47 -1.46
N ALA A 175 -16.52 0.64 -2.20
CA ALA A 175 -16.38 1.97 -1.66
C ALA A 175 -17.36 2.23 -0.52
N ASP A 176 -18.64 2.02 -0.80
CA ASP A 176 -19.67 2.10 0.23
C ASP A 176 -19.34 1.24 1.42
N ARG A 177 -18.94 -0.01 1.17
CA ARG A 177 -18.47 -0.90 2.27
C ARG A 177 -17.34 -0.29 3.10
N ALA A 178 -16.31 0.24 2.40
CA ALA A 178 -15.16 0.92 3.04
C ALA A 178 -15.57 2.08 3.91
N LEU A 179 -16.47 2.89 3.37
CA LEU A 179 -16.95 4.07 4.07
C LEU A 179 -17.65 3.63 5.35
N LYS A 180 -18.50 2.60 5.23
CA LYS A 180 -19.31 2.11 6.39
C LYS A 180 -18.39 1.54 7.45
N ALA A 181 -17.29 0.94 7.00
CA ALA A 181 -16.24 0.44 7.90
C ALA A 181 -15.53 1.52 8.70
N GLY A 182 -15.66 2.79 8.33
CA GLY A 182 -14.90 3.88 8.95
C GLY A 182 -13.59 4.31 8.23
N ALA A 183 -13.41 3.89 6.98
CA ALA A 183 -12.22 4.27 6.21
C ALA A 183 -12.11 5.80 6.16
N LYS A 184 -10.88 6.28 6.35
CA LYS A 184 -10.48 7.69 6.19
C LYS A 184 -9.67 7.92 4.89
N VAL A 185 -9.07 6.83 4.44
CA VAL A 185 -8.28 6.81 3.20
C VAL A 185 -8.76 5.68 2.38
N ILE A 186 -9.17 5.99 1.14
CA ILE A 186 -9.69 5.01 0.22
C ILE A 186 -8.89 5.00 -1.04
N GLY A 187 -8.41 3.83 -1.39
CA GLY A 187 -7.62 3.67 -2.56
C GLY A 187 -8.46 2.97 -3.58
N VAL A 188 -8.39 3.41 -4.82
CA VAL A 188 -9.13 2.81 -5.91
C VAL A 188 -8.12 2.22 -6.82
N ASN A 189 -8.17 0.89 -6.86
CA ASN A 189 -7.29 0.14 -7.68
C ASN A 189 -7.94 -0.06 -9.03
N ALA A 190 -7.28 0.46 -10.07
CA ALA A 190 -7.71 0.28 -11.44
C ALA A 190 -7.65 -1.17 -11.78
N ARG A 191 -6.77 -1.92 -11.11
CA ARG A 191 -6.67 -3.36 -11.35
C ARG A 191 -7.71 -4.18 -10.60
N ASP A 192 -8.32 -5.14 -11.29
CA ASP A 192 -9.30 -6.07 -10.70
C ASP A 192 -8.47 -7.24 -10.16
N LEU A 193 -8.47 -7.44 -8.84
CA LEU A 193 -7.55 -8.41 -8.24
C LEU A 193 -8.00 -9.84 -8.52
N MET A 194 -9.29 -10.04 -8.78
CA MET A 194 -9.77 -11.36 -9.20
C MET A 194 -9.09 -11.73 -10.54
N THR A 195 -9.22 -10.87 -11.55
CA THR A 195 -8.79 -11.16 -12.94
C THR A 195 -7.51 -10.43 -13.46
N LEU A 196 -6.94 -9.52 -12.65
CA LEU A 196 -5.71 -8.78 -13.02
C LEU A 196 -5.83 -7.72 -14.16
N ASP A 197 -7.04 -7.47 -14.66
CA ASP A 197 -7.26 -6.45 -15.70
C ASP A 197 -7.17 -5.07 -15.09
N VAL A 198 -6.54 -4.12 -15.78
CA VAL A 198 -6.41 -2.74 -15.29
C VAL A 198 -7.40 -1.84 -15.99
N ASP A 199 -8.58 -1.65 -15.37
CA ASP A 199 -9.61 -0.64 -15.82
C ASP A 199 -9.33 0.78 -15.31
N ARG A 200 -8.93 1.66 -16.23
CA ARG A 200 -8.47 3.00 -15.86
C ARG A 200 -9.66 3.90 -15.43
N ASP A 201 -10.84 3.59 -15.97
CA ASP A 201 -12.07 4.37 -15.73
C ASP A 201 -12.64 4.22 -14.33
N CYS A 202 -12.19 3.20 -13.60
CA CYS A 202 -12.51 2.99 -12.17
C CYS A 202 -12.51 4.20 -11.26
N PHE A 203 -11.35 4.87 -11.18
CA PHE A 203 -11.17 5.95 -10.21
C PHE A 203 -12.23 7.02 -10.43
N ALA A 204 -12.44 7.34 -11.71
CA ALA A 204 -13.32 8.42 -12.11
C ALA A 204 -14.79 8.00 -11.99
N ARG A 205 -15.12 6.70 -12.18
CA ARG A 205 -16.43 6.13 -11.78
C ARG A 205 -16.67 6.27 -10.29
N ILE A 206 -15.65 5.95 -9.48
CA ILE A 206 -15.80 5.86 -8.02
C ILE A 206 -15.51 7.14 -7.22
N ALA A 207 -14.43 7.82 -7.57
CA ALA A 207 -13.93 8.95 -6.77
C ALA A 207 -14.96 10.06 -6.55
N PRO A 208 -15.67 10.44 -7.61
CA PRO A 208 -16.77 11.41 -7.42
C PRO A 208 -17.74 10.99 -6.31
N GLY A 209 -18.05 9.69 -6.22
CA GLY A 209 -18.94 9.23 -5.17
C GLY A 209 -18.51 9.46 -3.72
N LEU A 210 -17.24 9.71 -3.45
CA LEU A 210 -16.77 9.69 -2.06
C LEU A 210 -16.93 11.03 -1.34
N PRO A 211 -17.18 10.99 -0.01
CA PRO A 211 -17.17 12.21 0.76
C PRO A 211 -15.88 12.95 0.50
N SER A 212 -15.90 14.26 0.71
CA SER A 212 -14.74 15.07 0.39
C SER A 212 -13.74 14.92 1.50
N SER A 213 -14.22 14.56 2.69
CA SER A 213 -13.35 14.50 3.86
C SER A 213 -12.43 13.25 3.79
N VAL A 214 -12.82 12.28 2.98
CA VAL A 214 -12.04 11.06 2.75
C VAL A 214 -10.91 11.28 1.74
N ILE A 215 -9.72 10.81 2.07
CA ILE A 215 -8.55 10.97 1.18
C ILE A 215 -8.64 9.94 0.06
N ARG A 216 -8.41 10.37 -1.18
CA ARG A 216 -8.55 9.48 -2.33
C ARG A 216 -7.19 9.24 -2.93
N ILE A 217 -6.85 7.97 -3.06
CA ILE A 217 -5.59 7.54 -3.65
C ILE A 217 -5.94 6.71 -4.90
N ALA A 218 -5.30 7.01 -6.01
CA ALA A 218 -5.37 6.24 -7.20
C ALA A 218 -4.21 5.28 -7.20
N GLU A 219 -4.55 4.00 -7.15
CA GLU A 219 -3.60 2.93 -7.22
C GLU A 219 -3.61 2.44 -8.66
N SER A 220 -2.43 2.25 -9.22
CA SER A 220 -2.26 1.60 -10.50
C SER A 220 -2.47 2.45 -11.74
N GLY A 221 -1.86 1.98 -12.83
CA GLY A 221 -1.99 2.63 -14.11
C GLY A 221 -1.12 3.87 -14.34
N VAL A 222 -0.25 4.27 -13.41
CA VAL A 222 0.59 5.50 -13.60
C VAL A 222 1.88 5.22 -14.35
N ARG A 223 1.90 5.67 -15.62
CA ARG A 223 3.06 5.50 -16.50
C ARG A 223 3.93 6.74 -16.59
N GLY A 224 3.40 7.85 -16.13
CA GLY A 224 4.03 9.16 -16.25
C GLY A 224 3.11 10.26 -15.79
N THR A 225 3.54 11.49 -16.04
CA THR A 225 2.87 12.63 -15.50
C THR A 225 1.46 12.71 -16.01
N ALA A 226 1.19 12.28 -17.23
CA ALA A 226 -0.14 12.48 -17.77
C ALA A 226 -1.15 11.64 -16.97
N ASP A 227 -0.81 10.39 -16.66
CA ASP A 227 -1.70 9.56 -15.85
C ASP A 227 -1.85 10.15 -14.45
N LEU A 228 -0.77 10.65 -13.90
CA LEU A 228 -0.87 11.30 -12.56
C LEU A 228 -1.85 12.49 -12.59
N LEU A 229 -1.69 13.32 -13.59
CA LEU A 229 -2.52 14.49 -13.75
C LEU A 229 -4.02 14.16 -13.97
N ALA A 230 -4.27 13.15 -14.78
CA ALA A 230 -5.64 12.64 -15.00
C ALA A 230 -6.31 12.22 -13.67
N TYR A 231 -5.59 11.47 -12.85
CA TYR A 231 -6.14 11.03 -11.56
C TYR A 231 -6.32 12.27 -10.71
N ALA A 232 -5.34 13.16 -10.80
CA ALA A 232 -5.42 14.43 -10.11
C ALA A 232 -6.69 15.18 -10.55
N GLY A 233 -7.03 15.15 -11.86
CA GLY A 233 -8.18 15.90 -12.36
C GLY A 233 -9.50 15.27 -11.95
N ALA A 234 -9.48 13.98 -11.56
CA ALA A 234 -10.64 13.26 -11.11
C ALA A 234 -10.76 13.22 -9.58
N GLY A 235 -9.93 13.96 -8.85
CA GLY A 235 -10.06 14.01 -7.43
C GLY A 235 -9.01 13.31 -6.60
N ALA A 236 -8.08 12.61 -7.23
CA ALA A 236 -6.96 11.96 -6.48
C ALA A 236 -6.20 12.94 -5.58
N ASP A 237 -5.91 12.53 -4.37
CA ASP A 237 -5.05 13.29 -3.46
C ASP A 237 -3.61 12.75 -3.53
N ALA A 238 -3.49 11.54 -4.11
CA ALA A 238 -2.19 10.85 -4.16
C ALA A 238 -2.34 9.73 -5.14
N VAL A 239 -1.22 9.30 -5.70
CA VAL A 239 -1.19 8.17 -6.61
C VAL A 239 -0.09 7.23 -6.19
N LEU A 240 -0.33 5.94 -6.33
CA LEU A 240 0.64 4.91 -6.07
C LEU A 240 1.21 4.42 -7.37
N VAL A 241 2.55 4.33 -7.41
CA VAL A 241 3.31 4.06 -8.58
C VAL A 241 4.43 3.08 -8.23
N GLY A 242 4.50 1.99 -8.98
CA GLY A 242 5.47 0.92 -8.69
C GLY A 242 6.20 0.48 -9.92
N GLU A 243 5.47 -0.15 -10.87
CA GLU A 243 6.11 -0.70 -12.04
C GLU A 243 7.01 0.28 -12.75
N GLY A 244 6.52 1.48 -13.02
CA GLY A 244 7.38 2.48 -13.71
C GLY A 244 8.56 2.98 -12.92
N LEU A 245 8.54 2.84 -11.58
CA LEU A 245 9.70 3.26 -10.77
C LEU A 245 10.75 2.16 -10.56
N VAL A 246 10.29 0.94 -10.27
CA VAL A 246 11.20 -0.18 -9.97
C VAL A 246 12.03 -0.58 -11.17
N THR A 247 11.50 -0.27 -12.36
CA THR A 247 12.15 -0.73 -13.57
C THR A 247 12.99 0.44 -14.09
N SER A 248 13.03 1.56 -13.34
CA SER A 248 13.74 2.74 -13.82
C SER A 248 15.23 2.63 -13.53
N GLY A 249 16.03 3.25 -14.39
CA GLY A 249 17.49 3.32 -14.21
C GLY A 249 17.79 4.54 -13.35
N ASP A 250 16.76 5.35 -13.09
CA ASP A 250 16.99 6.59 -12.35
C ASP A 250 15.72 6.84 -11.52
N PRO A 251 15.47 5.94 -10.54
CA PRO A 251 14.19 6.09 -9.85
C PRO A 251 14.04 7.46 -9.20
N ARG A 252 15.13 8.13 -8.85
CA ARG A 252 14.90 9.40 -8.14
C ARG A 252 14.36 10.47 -9.13
N ALA A 253 14.96 10.52 -10.32
CA ALA A 253 14.46 11.40 -11.40
C ALA A 253 13.02 11.04 -11.84
N ALA A 254 12.70 9.75 -11.88
CA ALA A 254 11.35 9.31 -12.29
C ALA A 254 10.34 9.78 -11.26
N VAL A 255 10.70 9.63 -9.99
CA VAL A 255 9.83 10.15 -8.92
C VAL A 255 9.71 11.65 -9.02
N ALA A 256 10.84 12.34 -9.16
CA ALA A 256 10.85 13.78 -9.19
C ALA A 256 9.96 14.38 -10.31
N ASP A 257 9.98 13.74 -11.50
CA ASP A 257 9.06 14.12 -12.61
C ASP A 257 7.59 14.04 -12.20
N LEU A 258 7.20 12.96 -11.54
CA LEU A 258 5.86 12.78 -11.05
C LEU A 258 5.52 13.77 -9.93
N VAL A 259 6.45 13.99 -9.01
CA VAL A 259 6.18 14.86 -7.88
C VAL A 259 5.92 16.25 -8.42
N THR A 260 6.68 16.66 -9.45
CA THR A 260 6.53 17.99 -9.93
C THR A 260 5.52 18.06 -11.08
N ALA A 261 4.84 16.97 -11.42
CA ALA A 261 3.89 17.00 -12.57
C ALA A 261 2.85 18.11 -12.45
N GLY A 262 2.72 18.89 -13.53
CA GLY A 262 1.69 19.92 -13.66
C GLY A 262 2.25 21.31 -13.90
CAA 4RG B . -0.57 -7.77 -10.40
CAB 4RG B . -1.32 -7.68 -9.08
CAC 4RG B . -1.25 -6.50 -8.35
CAD 4RG B . -1.90 -6.39 -7.13
CAE 4RG B . -2.62 -7.46 -6.62
CAF 4RG B . -2.72 -8.65 -7.34
CAG 4RG B . -2.06 -8.76 -8.57
OAH 4RG B . 0.10 -6.77 -10.80
OAI 4RG B . -0.56 -8.88 -10.98
CAJ 4RG B . -1.79 -5.19 -6.42
OAK 4RG B . -2.13 -5.14 -5.00
CAL 4RG B . -1.23 -5.63 -4.12
CAM 4RG B . 0.05 -5.92 -4.50
CAN 4RG B . 0.96 -6.39 -3.59
CAO 4RG B . 0.58 -6.58 -2.27
CAP 4RG B . -0.74 -6.28 -1.90
CAQ 4RG B . -1.63 -5.78 -2.83
C1 MLI C . 0.96 -0.23 -8.93
C2 MLI C . 2.09 -0.02 -9.94
C3 MLI C . 0.17 -1.47 -9.26
O6 MLI C . 2.95 -0.95 -10.02
O7 MLI C . 2.16 1.10 -10.53
O8 MLI C . -0.34 -2.09 -8.29
O9 MLI C . 0.03 -1.73 -10.49
S SO4 D . 17.76 -7.17 2.37
O1 SO4 D . 17.71 -6.35 3.59
O2 SO4 D . 16.56 -7.99 2.25
O3 SO4 D . 17.69 -6.24 1.27
O4 SO4 D . 18.98 -7.98 2.28
#